data_2FKB
#
_entry.id   2FKB
#
_cell.length_a   89.701
_cell.length_b   134.884
_cell.length_c   145.246
_cell.angle_alpha   90.00
_cell.angle_beta   90.00
_cell.angle_gamma   90.00
#
_symmetry.space_group_name_H-M   'I 2 2 2'
#
loop_
_entity.id
_entity.type
_entity.pdbx_description
1 polymer 'Putative Nudix hydrolase yfcD'
2 non-polymer 'SULFATE ION'
3 non-polymer 'MAGNESIUM ION'
4 non-polymer GLYCEROL
5 non-polymer 'ACETATE ION'
6 water water
#
_entity_poly.entity_id   1
_entity_poly.type   'polypeptide(L)'
_entity_poly.pdbx_seq_one_letter_code
;MEQRRLASTEWVDIVNEENEVIAQASREQ(MSE)RAQCLRHRATYIVVHDG(MSE)GKILVQRRTETKDFLPG(MSE)LD
ATAGGVVQADEQLLESARREAEEELGIAGVPFAEHGQFYFEDKNCRVWGALFSCVSHGPFALQEDEVSEVCWLTPEEITA
RCDEFTPDSLKALALW(MSE)KRNAKNEAVETETAE
;
_entity_poly.pdbx_strand_id   A,B,C
#
# COMPACT_ATOMS: atom_id res chain seq x y z
N SER A 8 16.97 19.18 20.32
CA SER A 8 16.09 20.34 19.99
C SER A 8 14.64 20.01 20.33
N THR A 9 13.91 20.96 20.91
CA THR A 9 12.49 20.78 21.22
C THR A 9 11.68 20.66 19.93
N GLU A 10 10.76 19.70 19.86
CA GLU A 10 9.85 19.64 18.74
C GLU A 10 8.61 20.50 19.05
N TRP A 11 8.30 21.40 18.14
CA TRP A 11 7.16 22.32 18.30
C TRP A 11 6.06 21.86 17.34
N VAL A 12 4.82 21.86 17.82
CA VAL A 12 3.68 21.33 17.08
C VAL A 12 2.52 22.33 16.96
N ASP A 13 1.87 22.31 15.80
CA ASP A 13 0.68 23.14 15.53
C ASP A 13 -0.44 22.61 16.41
N ILE A 14 -1.15 23.47 17.13
CA ILE A 14 -2.32 23.09 17.91
C ILE A 14 -3.52 23.74 17.24
N VAL A 15 -4.59 22.96 17.02
CA VAL A 15 -5.71 23.43 16.20
C VAL A 15 -7.02 23.45 16.97
N ASN A 16 -7.94 24.32 16.54
CA ASN A 16 -9.29 24.34 17.12
C ASN A 16 -10.19 23.22 16.48
N GLU A 17 -11.46 23.22 16.86
CA GLU A 17 -12.43 22.21 16.37
C GLU A 17 -12.54 22.24 14.84
N GLU A 18 -12.37 23.44 14.27
CA GLU A 18 -12.41 23.67 12.83
C GLU A 18 -11.10 23.40 12.10
N ASN A 19 -10.12 22.78 12.79
CA ASN A 19 -8.80 22.58 12.20
C ASN A 19 -8.13 23.89 11.75
N GLU A 20 -8.27 24.94 12.55
CA GLU A 20 -7.49 26.15 12.32
C GLU A 20 -6.40 26.21 13.40
N VAL A 21 -5.20 26.59 12.98
CA VAL A 21 -4.06 26.62 13.91
C VAL A 21 -4.28 27.81 14.83
N ILE A 22 -4.44 27.55 16.11
CA ILE A 22 -4.65 28.66 17.04
C ILE A 22 -3.59 28.74 18.13
N ALA A 23 -2.70 27.76 18.14
CA ALA A 23 -1.68 27.64 19.21
C ALA A 23 -0.50 26.85 18.68
N GLN A 24 0.61 26.91 19.41
CA GLN A 24 1.78 26.15 19.11
C GLN A 24 2.25 25.65 20.47
N ALA A 25 2.58 24.37 20.59
CA ALA A 25 3.06 23.81 21.87
C ALA A 25 4.27 22.89 21.65
N SER A 26 5.05 22.67 22.69
CA SER A 26 6.07 21.64 22.63
C SER A 26 5.37 20.30 22.51
N ARG A 27 6.10 19.33 21.97
CA ARG A 27 5.57 17.98 21.87
C ARG A 27 5.15 17.47 23.26
N GLU A 28 5.96 17.75 24.27
CA GLU A 28 5.66 17.39 25.65
C GLU A 28 4.33 18.02 26.18
N GLN A 29 4.14 19.31 25.95
CA GLN A 29 2.87 19.96 26.33
C GLN A 29 1.66 19.39 25.62
N ARG A 31 1.32 16.31 24.45
N ARG A 31 1.34 16.35 24.45
CA ARG A 31 0.99 15.01 25.04
CA ARG A 31 1.17 15.04 25.07
C ARG A 31 0.49 15.15 26.50
C ARG A 31 0.51 15.19 26.44
N ALA A 32 1.06 16.07 27.27
CA ALA A 32 0.59 16.30 28.66
C ALA A 32 -0.87 16.80 28.77
N GLN A 33 -1.28 17.67 27.86
CA GLN A 33 -2.64 18.21 27.91
C GLN A 33 -3.56 17.54 26.88
N CYS A 34 -3.05 16.56 26.12
CA CYS A 34 -3.83 15.89 25.08
CA CYS A 34 -3.83 15.91 25.05
C CYS A 34 -4.39 16.94 24.10
N LEU A 35 -3.52 17.82 23.61
CA LEU A 35 -3.99 18.93 22.81
C LEU A 35 -4.28 18.47 21.39
N ARG A 36 -5.28 19.10 20.78
CA ARG A 36 -5.73 18.72 19.46
C ARG A 36 -4.68 19.23 18.48
N HIS A 37 -4.20 18.35 17.58
CA HIS A 37 -3.08 18.68 16.72
C HIS A 37 -3.33 18.02 15.35
N ARG A 38 -2.41 18.19 14.40
CA ARG A 38 -2.54 17.56 13.09
C ARG A 38 -1.52 16.45 12.99
N ALA A 39 -1.81 15.42 12.19
CA ALA A 39 -0.82 14.38 11.87
C ALA A 39 -1.06 13.89 10.47
N THR A 40 -0.03 13.34 9.84
CA THR A 40 -0.19 12.76 8.54
C THR A 40 -0.21 11.24 8.76
N TYR A 41 -0.88 10.56 7.83
CA TYR A 41 -1.08 9.09 7.85
C TYR A 41 -0.80 8.72 6.42
N ILE A 42 0.21 7.88 6.19
CA ILE A 42 0.53 7.50 4.82
C ILE A 42 0.40 5.99 4.69
N VAL A 43 -0.45 5.56 3.78
CA VAL A 43 -0.59 4.12 3.47
C VAL A 43 0.48 3.84 2.46
N VAL A 44 1.48 3.07 2.89
CA VAL A 44 2.56 2.63 2.04
C VAL A 44 2.14 1.24 1.60
N HIS A 45 1.88 1.09 0.30
CA HIS A 45 1.40 -0.19 -0.19
C HIS A 45 2.30 -0.64 -1.34
N ASP A 46 2.26 -1.92 -1.63
CA ASP A 46 3.21 -2.46 -2.62
C ASP A 46 2.69 -2.51 -4.04
N GLY A 47 1.46 -2.05 -4.24
CA GLY A 47 0.83 -2.07 -5.56
C GLY A 47 0.44 -3.48 -5.99
N GLY A 49 -1.39 -5.53 -3.44
CA GLY A 49 -2.36 -5.96 -2.42
C GLY A 49 -1.91 -5.91 -0.98
N LYS A 50 -0.66 -5.49 -0.72
CA LYS A 50 -0.13 -5.50 0.63
C LYS A 50 0.19 -4.10 1.17
N ILE A 51 0.11 -3.98 2.49
CA ILE A 51 0.30 -2.74 3.23
C ILE A 51 1.53 -2.90 4.11
N LEU A 52 2.39 -1.88 4.14
CA LEU A 52 3.58 -1.95 5.01
C LEU A 52 3.18 -1.60 6.43
N VAL A 53 3.23 -2.60 7.29
CA VAL A 53 2.85 -2.44 8.66
C VAL A 53 4.09 -2.27 9.54
N GLN A 54 3.99 -1.42 10.55
CA GLN A 54 5.13 -0.99 11.37
C GLN A 54 4.82 -1.19 12.87
N ARG A 55 5.64 -1.98 13.57
CA ARG A 55 5.43 -2.16 15.02
C ARG A 55 6.07 -0.98 15.75
N ARG A 56 5.33 -0.37 16.68
CA ARG A 56 5.82 0.76 17.47
C ARG A 56 6.74 0.23 18.57
N THR A 57 7.87 0.89 18.81
CA THR A 57 8.72 0.48 19.94
C THR A 57 7.96 0.58 21.26
N GLU A 58 8.51 0.02 22.33
CA GLU A 58 7.80 0.03 23.59
C GLU A 58 8.12 1.27 24.46
N THR A 59 8.89 2.19 23.88
CA THR A 59 9.26 3.46 24.51
C THR A 59 8.38 4.64 24.05
N LYS A 60 7.73 4.48 22.89
CA LYS A 60 6.73 5.42 22.40
C LYS A 60 5.71 5.85 23.47
N ASP A 61 5.42 7.15 23.52
CA ASP A 61 4.37 7.66 24.40
C ASP A 61 3.00 7.09 24.01
N PHE A 62 2.60 7.33 22.77
CA PHE A 62 1.28 6.94 22.31
C PHE A 62 1.29 5.46 21.83
N LEU A 63 0.53 4.63 22.52
CA LEU A 63 0.34 3.21 22.14
C LEU A 63 1.64 2.44 21.81
N PRO A 64 2.60 2.38 22.77
CA PRO A 64 3.86 1.63 22.54
C PRO A 64 3.60 0.16 22.20
N GLY A 65 4.37 -0.39 21.27
CA GLY A 65 4.30 -1.82 20.97
C GLY A 65 3.12 -2.24 20.12
N LEU A 67 0.71 -2.05 16.51
CA LEU A 67 1.03 -1.97 15.09
C LEU A 67 0.39 -0.78 14.41
N ASP A 68 1.15 -0.12 13.53
CA ASP A 68 0.63 0.98 12.75
C ASP A 68 0.41 0.48 11.35
N ALA A 69 -0.77 0.75 10.79
CA ALA A 69 -1.06 0.42 9.41
C ALA A 69 -0.59 1.51 8.45
N THR A 70 -0.06 2.60 9.01
CA THR A 70 0.37 3.76 8.24
C THR A 70 1.69 4.27 8.78
N ALA A 71 2.50 4.91 7.92
CA ALA A 71 3.56 5.76 8.38
C ALA A 71 2.98 7.19 8.66
N GLY A 72 3.81 8.14 9.10
CA GLY A 72 3.37 9.50 9.34
C GLY A 72 3.65 9.90 10.78
N GLY A 73 3.23 11.09 11.18
CA GLY A 73 3.47 11.51 12.54
C GLY A 73 2.97 12.92 12.71
N VAL A 74 3.27 13.51 13.86
CA VAL A 74 2.72 14.81 14.21
C VAL A 74 3.26 15.89 13.25
N VAL A 75 2.37 16.75 12.80
CA VAL A 75 2.72 17.91 12.00
C VAL A 75 3.31 19.00 12.91
N GLN A 76 4.53 19.40 12.59
CA GLN A 76 5.26 20.40 13.37
C GLN A 76 4.86 21.84 12.99
N ALA A 77 5.18 22.78 13.89
CA ALA A 77 4.78 24.17 13.75
C ALA A 77 5.10 24.70 12.36
N ASP A 78 4.08 25.28 11.72
CA ASP A 78 4.17 25.93 10.42
C ASP A 78 4.45 25.03 9.22
N GLU A 79 4.39 23.71 9.42
CA GLU A 79 4.64 22.78 8.29
C GLU A 79 3.38 22.68 7.43
N GLN A 80 3.55 22.66 6.11
CA GLN A 80 2.43 22.31 5.25
C GLN A 80 2.24 20.78 5.27
N LEU A 81 1.09 20.31 4.83
CA LEU A 81 0.74 18.90 5.08
C LEU A 81 1.56 17.93 4.24
N LEU A 82 1.68 18.21 2.95
CA LEU A 82 2.48 17.32 2.08
C LEU A 82 4.00 17.28 2.44
N GLU A 83 4.63 18.44 2.69
CA GLU A 83 6.03 18.47 3.08
C GLU A 83 6.18 17.72 4.42
N SER A 84 5.19 17.86 5.27
CA SER A 84 5.25 17.15 6.56
C SER A 84 5.21 15.63 6.32
N ALA A 85 4.27 15.16 5.51
CA ALA A 85 4.18 13.72 5.16
C ALA A 85 5.47 13.17 4.58
N ARG A 86 6.03 13.92 3.61
CA ARG A 86 7.29 13.56 3.00
CA ARG A 86 7.30 13.57 2.99
C ARG A 86 8.44 13.49 4.00
N ARG A 87 8.49 14.44 4.96
CA ARG A 87 9.52 14.44 6.01
C ARG A 87 9.34 13.20 6.87
N GLU A 88 8.12 12.92 7.29
CA GLU A 88 7.90 11.72 8.13
C GLU A 88 8.33 10.43 7.43
N ALA A 89 7.87 10.24 6.19
CA ALA A 89 8.21 9.04 5.41
C ALA A 89 9.75 8.87 5.28
N GLU A 90 10.44 9.99 5.04
N GLU A 90 10.47 9.96 5.02
CA GLU A 90 11.89 10.01 4.95
CA GLU A 90 11.94 9.85 4.97
C GLU A 90 12.59 9.61 6.26
C GLU A 90 12.54 9.48 6.32
N GLU A 91 12.11 10.18 7.37
CA GLU A 91 12.64 9.92 8.71
C GLU A 91 12.36 8.51 9.19
N GLU A 92 11.15 8.02 8.95
CA GLU A 92 10.75 6.68 9.44
C GLU A 92 11.16 5.51 8.55
N LEU A 93 11.19 5.72 7.22
CA LEU A 93 11.33 4.64 6.28
C LEU A 93 12.47 4.85 5.29
N GLY A 94 13.05 6.04 5.28
CA GLY A 94 14.17 6.31 4.41
C GLY A 94 13.74 6.42 2.97
N ILE A 95 12.45 6.69 2.71
CA ILE A 95 12.03 6.92 1.33
C ILE A 95 11.90 8.42 1.01
N ALA A 96 12.20 8.80 -0.23
CA ALA A 96 12.26 10.20 -0.69
C ALA A 96 11.95 10.28 -2.20
N GLY A 97 11.08 11.21 -2.61
CA GLY A 97 10.77 11.38 -4.05
C GLY A 97 9.77 10.38 -4.60
N VAL A 98 9.09 9.67 -3.72
CA VAL A 98 8.06 8.77 -4.18
C VAL A 98 6.76 9.58 -4.32
N PRO A 99 6.03 9.41 -5.45
CA PRO A 99 4.69 10.05 -5.52
C PRO A 99 3.74 9.71 -4.35
N PHE A 100 3.08 10.76 -3.82
CA PHE A 100 2.07 10.62 -2.78
C PHE A 100 0.73 11.02 -3.37
N ALA A 101 -0.28 10.20 -3.15
CA ALA A 101 -1.66 10.58 -3.47
C ALA A 101 -2.31 11.13 -2.20
N GLU A 102 -3.14 12.16 -2.35
CA GLU A 102 -3.85 12.81 -1.26
C GLU A 102 -5.29 12.28 -1.21
N HIS A 103 -5.73 11.92 -0.01
CA HIS A 103 -7.03 11.32 0.17
C HIS A 103 -7.87 12.02 1.25
N GLY A 104 -7.76 13.33 1.35
CA GLY A 104 -8.55 14.06 2.33
C GLY A 104 -8.07 13.96 3.78
N GLN A 105 -9.00 14.24 4.68
CA GLN A 105 -8.68 14.34 6.10
C GLN A 105 -9.73 13.60 6.91
N PHE A 106 -9.41 13.33 8.17
CA PHE A 106 -10.35 12.69 9.09
C PHE A 106 -10.02 13.20 10.49
N TYR A 107 -10.98 13.06 11.40
CA TYR A 107 -10.74 13.44 12.79
C TYR A 107 -10.79 12.17 13.65
N PHE A 108 -9.86 12.04 14.58
CA PHE A 108 -9.86 10.94 15.54
C PHE A 108 -9.62 11.47 16.93
N GLU A 109 -10.33 10.93 17.92
CA GLU A 109 -9.96 11.19 19.30
C GLU A 109 -10.22 9.98 20.20
N ASP A 110 -9.35 9.80 21.16
CA ASP A 110 -9.63 8.86 22.24
C ASP A 110 -9.15 9.53 23.51
N LYS A 111 -8.97 8.75 24.57
CA LYS A 111 -8.62 9.25 25.90
C LYS A 111 -7.25 9.89 25.90
N ASN A 112 -6.43 9.49 24.93
CA ASN A 112 -5.04 9.92 24.88
C ASN A 112 -4.65 10.82 23.72
N CYS A 113 -5.56 11.04 22.77
CA CYS A 113 -5.20 11.99 21.72
C CYS A 113 -6.42 12.60 21.05
N ARG A 114 -6.17 13.72 20.36
CA ARG A 114 -7.15 14.43 19.59
C ARG A 114 -6.43 14.85 18.32
N VAL A 115 -6.89 14.41 17.16
CA VAL A 115 -6.08 14.65 15.95
C VAL A 115 -6.88 14.85 14.69
N TRP A 116 -6.53 15.89 13.94
CA TRP A 116 -6.99 15.99 12.59
C TRP A 116 -5.96 15.31 11.70
N GLY A 117 -6.33 14.22 11.03
CA GLY A 117 -5.40 13.44 10.26
C GLY A 117 -5.50 13.82 8.81
N ALA A 118 -4.36 13.88 8.13
CA ALA A 118 -4.34 14.10 6.70
C ALA A 118 -3.86 12.81 6.08
N LEU A 119 -4.67 12.26 5.18
CA LEU A 119 -4.41 10.97 4.61
C LEU A 119 -3.70 11.02 3.27
N PHE A 120 -2.61 10.23 3.14
CA PHE A 120 -1.84 10.08 1.87
C PHE A 120 -1.59 8.60 1.63
N SER A 121 -1.19 8.25 0.42
CA SER A 121 -0.69 6.93 0.11
C SER A 121 0.42 7.02 -0.89
N CYS A 122 1.26 6.00 -0.87
CA CYS A 122 2.30 5.80 -1.90
C CYS A 122 2.62 4.33 -2.11
N VAL A 123 3.18 4.05 -3.29
CA VAL A 123 3.59 2.72 -3.66
C VAL A 123 5.10 2.64 -3.56
N SER A 124 5.58 1.79 -2.67
CA SER A 124 7.02 1.56 -2.55
C SER A 124 7.25 0.08 -2.26
N HIS A 125 8.26 -0.49 -2.91
CA HIS A 125 8.71 -1.85 -2.61
C HIS A 125 9.96 -1.83 -1.75
N GLY A 126 10.35 -0.65 -1.29
CA GLY A 126 11.57 -0.46 -0.55
C GLY A 126 12.73 -0.20 -1.52
N PRO A 127 13.97 -0.35 -1.02
CA PRO A 127 14.25 -0.74 0.36
C PRO A 127 13.92 0.33 1.39
N PHE A 128 13.70 -0.10 2.63
CA PHE A 128 13.45 0.80 3.72
C PHE A 128 14.62 0.86 4.69
N ALA A 129 14.93 2.07 5.15
CA ALA A 129 15.84 2.30 6.26
C ALA A 129 15.02 2.80 7.44
N LEU A 130 14.97 2.01 8.52
CA LEU A 130 14.08 2.27 9.64
C LEU A 130 14.77 2.86 10.87
N GLN A 131 13.97 3.41 11.79
CA GLN A 131 14.46 3.97 13.06
C GLN A 131 14.08 3.06 14.22
N GLU A 132 15.07 2.37 14.79
CA GLU A 132 14.78 1.29 15.75
C GLU A 132 14.23 1.77 17.12
N ASP A 133 14.44 3.06 17.41
CA ASP A 133 13.95 3.64 18.67
CA ASP A 133 13.95 3.72 18.63
C ASP A 133 12.45 3.91 18.56
N GLU A 134 11.94 3.92 17.32
CA GLU A 134 10.52 4.17 16.99
C GLU A 134 9.76 2.94 16.49
N VAL A 135 10.33 2.29 15.46
N VAL A 135 10.36 2.27 15.50
CA VAL A 135 9.78 1.07 14.91
CA VAL A 135 9.77 1.09 14.84
C VAL A 135 10.73 -0.09 15.17
C VAL A 135 10.71 -0.10 15.10
N SER A 136 10.17 -1.21 15.61
CA SER A 136 10.97 -2.37 15.96
C SER A 136 10.86 -3.52 14.94
N GLU A 137 9.91 -3.40 14.00
CA GLU A 137 9.60 -4.44 13.05
C GLU A 137 8.71 -3.90 11.92
N VAL A 138 8.96 -4.35 10.71
CA VAL A 138 8.02 -4.08 9.62
C VAL A 138 7.71 -5.35 8.87
N CYS A 139 6.52 -5.38 8.26
CA CYS A 139 6.15 -6.45 7.34
C CYS A 139 4.99 -6.05 6.43
N TRP A 140 4.93 -6.74 5.31
CA TRP A 140 3.87 -6.61 4.33
C TRP A 140 2.68 -7.49 4.74
N LEU A 141 1.50 -6.89 4.94
CA LEU A 141 0.24 -7.61 5.26
C LEU A 141 -0.83 -7.17 4.29
N THR A 142 -1.66 -8.11 3.85
CA THR A 142 -2.89 -7.78 3.15
C THR A 142 -3.84 -7.11 4.18
N PRO A 143 -4.73 -6.24 3.70
CA PRO A 143 -5.84 -5.74 4.51
C PRO A 143 -6.67 -6.84 5.20
N GLU A 144 -6.84 -8.00 4.54
CA GLU A 144 -7.49 -9.16 5.18
C GLU A 144 -6.67 -9.61 6.38
N GLU A 145 -5.34 -9.66 6.20
CA GLU A 145 -4.46 -10.09 7.27
C GLU A 145 -4.51 -9.08 8.43
N ILE A 146 -4.63 -7.80 8.08
CA ILE A 146 -4.67 -6.73 9.09
C ILE A 146 -5.96 -6.79 9.94
N THR A 147 -7.11 -6.79 9.27
CA THR A 147 -8.41 -6.94 9.96
C THR A 147 -8.51 -8.24 10.77
N ALA A 148 -7.87 -9.33 10.31
CA ALA A 148 -7.79 -10.56 11.12
C ALA A 148 -7.04 -10.35 12.45
N ARG A 149 -6.25 -9.27 12.50
CA ARG A 149 -5.44 -8.92 13.65
C ARG A 149 -5.76 -7.51 14.19
N CYS A 150 -6.97 -7.01 13.92
CA CYS A 150 -7.19 -5.59 14.14
C CYS A 150 -7.11 -5.13 15.60
N ASP A 151 -7.21 -6.07 16.54
CA ASP A 151 -6.99 -5.72 17.95
C ASP A 151 -5.51 -5.33 18.28
N GLU A 152 -4.59 -5.65 17.37
CA GLU A 152 -3.17 -5.34 17.55
C GLU A 152 -2.82 -3.94 17.04
N PHE A 153 -3.76 -3.29 16.32
CA PHE A 153 -3.49 -2.03 15.61
C PHE A 153 -3.91 -0.76 16.34
N THR A 154 -3.13 0.32 16.17
CA THR A 154 -3.53 1.63 16.69
C THR A 154 -4.87 1.97 16.00
N PRO A 155 -5.89 2.40 16.78
CA PRO A 155 -7.20 2.73 16.16
C PRO A 155 -7.13 3.89 15.16
N ASP A 156 -6.23 4.86 15.41
CA ASP A 156 -6.09 5.96 14.48
C ASP A 156 -5.52 5.51 13.12
N SER A 157 -4.50 4.64 13.11
CA SER A 157 -3.97 4.11 11.82
C SER A 157 -4.99 3.21 11.13
N LEU A 158 -5.76 2.45 11.93
CA LEU A 158 -6.80 1.61 11.39
C LEU A 158 -7.87 2.45 10.72
N LYS A 159 -8.21 3.58 11.35
CA LYS A 159 -9.19 4.51 10.77
C LYS A 159 -8.70 5.06 9.44
N ALA A 160 -7.43 5.49 9.39
CA ALA A 160 -6.81 5.98 8.16
C ALA A 160 -6.86 4.91 7.05
N LEU A 161 -6.44 3.69 7.37
CA LEU A 161 -6.41 2.59 6.39
C LEU A 161 -7.79 2.33 5.87
N ALA A 162 -8.78 2.31 6.79
CA ALA A 162 -10.15 1.98 6.40
C ALA A 162 -10.63 3.01 5.40
N LEU A 163 -10.35 4.27 5.68
CA LEU A 163 -10.69 5.36 4.76
C LEU A 163 -10.02 5.25 3.41
N TRP A 164 -8.74 4.86 3.40
CA TRP A 164 -8.01 4.57 2.18
C TRP A 164 -8.67 3.41 1.42
N LYS A 166 -11.60 2.36 1.38
CA LYS A 166 -12.88 2.71 0.75
C LYS A 166 -12.76 3.63 -0.46
N ARG A 167 -11.60 4.26 -0.64
N ARG A 167 -11.60 4.26 -0.65
CA ARG A 167 -11.25 4.93 -1.89
CA ARG A 167 -11.27 4.90 -1.92
C ARG A 167 -10.26 4.08 -2.69
C ARG A 167 -10.26 4.04 -2.70
N ASN A 168 -9.13 3.77 -2.05
CA ASN A 168 -7.85 3.23 -2.67
C ASN A 168 -7.32 3.91 -3.93
N SER B 8 -43.09 -2.59 7.43
CA SER B 8 -42.08 -1.95 8.32
C SER B 8 -40.68 -1.90 7.68
N THR B 9 -39.99 -0.78 7.87
CA THR B 9 -38.63 -0.58 7.39
C THR B 9 -37.69 -1.53 8.10
N GLU B 10 -36.70 -2.04 7.37
CA GLU B 10 -35.62 -2.77 8.01
C GLU B 10 -34.46 -1.84 8.39
N TRP B 11 -34.16 -1.83 9.70
CA TRP B 11 -33.11 -0.99 10.29
C TRP B 11 -31.88 -1.86 10.54
N VAL B 12 -30.71 -1.35 10.17
N VAL B 12 -30.72 -1.31 10.22
CA VAL B 12 -29.49 -2.16 10.28
CA VAL B 12 -29.47 -2.08 10.18
C VAL B 12 -28.39 -1.41 11.04
C VAL B 12 -28.37 -1.40 11.00
N ASP B 13 -27.61 -2.18 11.80
CA ASP B 13 -26.42 -1.68 12.54
C ASP B 13 -25.39 -1.21 11.52
N ILE B 14 -24.86 -0.04 11.78
CA ILE B 14 -23.80 0.49 10.92
C ILE B 14 -22.55 0.63 11.79
N VAL B 15 -21.46 -0.01 11.37
CA VAL B 15 -20.28 -0.13 12.22
C VAL B 15 -19.00 0.59 11.68
N ASN B 16 -18.12 0.99 12.57
CA ASN B 16 -16.81 1.54 12.15
C ASN B 16 -15.78 0.42 11.90
N GLU B 17 -14.54 0.82 11.68
CA GLU B 17 -13.48 -0.09 11.24
C GLU B 17 -13.10 -1.08 12.33
N GLU B 18 -13.45 -0.76 13.58
CA GLU B 18 -13.26 -1.63 14.73
C GLU B 18 -14.48 -2.54 15.04
N ASN B 19 -15.46 -2.56 14.13
CA ASN B 19 -16.72 -3.25 14.36
C ASN B 19 -17.45 -2.78 15.64
N GLU B 20 -17.41 -1.46 15.89
CA GLU B 20 -18.25 -0.85 16.93
CA GLU B 20 -18.28 -0.88 16.92
C GLU B 20 -19.49 -0.20 16.25
N VAL B 21 -20.66 -0.39 16.82
CA VAL B 21 -21.87 0.22 16.22
C VAL B 21 -21.78 1.72 16.40
N ILE B 22 -21.77 2.46 15.30
CA ILE B 22 -21.72 3.92 15.42
C ILE B 22 -22.97 4.59 14.79
N ALA B 23 -23.78 3.80 14.10
CA ALA B 23 -24.88 4.36 13.33
C ALA B 23 -25.96 3.29 13.12
N GLN B 24 -27.15 3.74 12.74
CA GLN B 24 -28.21 2.82 12.41
C GLN B 24 -28.85 3.43 11.14
N ALA B 25 -29.08 2.62 10.12
CA ALA B 25 -29.67 3.09 8.87
C ALA B 25 -30.72 2.11 8.35
N SER B 26 -31.62 2.59 7.49
CA SER B 26 -32.54 1.71 6.76
C SER B 26 -31.70 0.86 5.86
N ARG B 27 -32.22 -0.31 5.50
CA ARG B 27 -31.54 -1.20 4.59
C ARG B 27 -31.26 -0.47 3.27
N GLU B 28 -32.25 0.32 2.82
CA GLU B 28 -32.18 1.11 1.57
C GLU B 28 -31.01 2.10 1.61
N GLN B 29 -30.90 2.82 2.73
CA GLN B 29 -29.81 3.74 2.96
C GLN B 29 -28.45 3.03 3.00
N ARG B 31 -27.57 0.24 1.63
CA ARG B 31 -27.21 -0.23 0.29
C ARG B 31 -26.81 0.92 -0.62
N ALA B 32 -27.46 2.07 -0.48
CA ALA B 32 -27.25 3.22 -1.38
C ALA B 32 -25.92 3.91 -1.15
N GLN B 33 -25.53 4.01 0.12
CA GLN B 33 -24.25 4.59 0.49
C GLN B 33 -23.17 3.51 0.68
N CYS B 34 -23.52 2.23 0.47
CA CYS B 34 -22.57 1.15 0.72
CA CYS B 34 -22.60 1.09 0.73
C CYS B 34 -21.97 1.26 2.12
N LEU B 35 -22.79 1.25 3.16
CA LEU B 35 -22.26 1.46 4.50
C LEU B 35 -21.72 0.14 5.05
N ARG B 36 -20.69 0.23 5.89
CA ARG B 36 -20.16 -0.95 6.56
C ARG B 36 -21.17 -1.43 7.59
N HIS B 37 -21.48 -2.71 7.53
CA HIS B 37 -22.47 -3.32 8.43
C HIS B 37 -21.99 -4.69 8.88
N ARG B 38 -22.86 -5.41 9.61
CA ARG B 38 -22.58 -6.73 10.10
C ARG B 38 -23.49 -7.69 9.35
N ALA B 39 -23.01 -8.91 9.10
CA ALA B 39 -23.87 -9.97 8.56
C ALA B 39 -23.50 -11.27 9.22
N THR B 40 -24.42 -12.23 9.23
CA THR B 40 -24.04 -13.57 9.65
C THR B 40 -23.83 -14.46 8.41
N TYR B 41 -22.94 -15.45 8.54
CA TYR B 41 -22.61 -16.43 7.50
C TYR B 41 -22.64 -17.77 8.19
N ILE B 42 -23.62 -18.63 7.82
CA ILE B 42 -23.76 -19.96 8.42
C ILE B 42 -23.50 -21.03 7.35
N VAL B 43 -22.41 -21.77 7.51
CA VAL B 43 -22.13 -22.94 6.67
C VAL B 43 -23.05 -24.08 7.10
N VAL B 44 -24.02 -24.39 6.23
CA VAL B 44 -24.90 -25.52 6.40
C VAL B 44 -24.26 -26.69 5.66
N HIS B 45 -23.85 -27.70 6.42
CA HIS B 45 -23.15 -28.82 5.83
C HIS B 45 -23.84 -30.12 6.28
N ASP B 46 -23.60 -31.23 5.58
CA ASP B 46 -24.35 -32.48 5.87
C ASP B 46 -23.62 -33.51 6.71
N GLY B 47 -22.40 -33.20 7.12
CA GLY B 47 -21.56 -34.16 7.83
C GLY B 47 -20.98 -35.26 6.95
N GLY B 49 -19.40 -34.29 3.79
CA GLY B 49 -18.61 -33.53 2.83
C GLY B 49 -19.27 -32.54 1.90
N LYS B 50 -20.57 -32.28 2.07
CA LYS B 50 -21.24 -31.34 1.17
C LYS B 50 -21.79 -30.10 1.92
N ILE B 51 -21.94 -29.00 1.16
CA ILE B 51 -22.36 -27.70 1.67
C ILE B 51 -23.70 -27.40 0.98
N LEU B 52 -24.69 -26.94 1.76
CA LEU B 52 -25.95 -26.49 1.15
C LEU B 52 -25.82 -25.06 0.59
N VAL B 53 -25.78 -24.96 -0.73
CA VAL B 53 -25.61 -23.70 -1.42
C VAL B 53 -27.02 -23.18 -1.75
N GLN B 54 -27.18 -21.87 -1.85
N GLN B 54 -27.15 -21.87 -1.81
CA GLN B 54 -28.49 -21.25 -1.92
CA GLN B 54 -28.43 -21.25 -2.00
C GLN B 54 -28.53 -20.21 -3.04
C GLN B 54 -28.35 -20.37 -3.24
N ARG B 55 -29.40 -20.40 -4.04
CA ARG B 55 -29.50 -19.51 -5.21
C ARG B 55 -30.38 -18.31 -4.85
N ARG B 56 -29.80 -17.11 -4.97
CA ARG B 56 -30.50 -15.90 -4.59
C ARG B 56 -31.62 -15.63 -5.59
N THR B 57 -32.79 -15.32 -5.06
CA THR B 57 -33.94 -15.00 -5.91
C THR B 57 -33.66 -13.79 -6.82
N GLU B 58 -34.28 -13.78 -8.00
CA GLU B 58 -34.04 -12.72 -9.00
C GLU B 58 -34.60 -11.35 -8.62
N THR B 59 -35.61 -11.32 -7.76
CA THR B 59 -36.20 -10.06 -7.30
C THR B 59 -35.40 -9.43 -6.18
N LYS B 60 -34.17 -9.87 -5.95
CA LYS B 60 -33.53 -9.22 -4.83
C LYS B 60 -32.68 -7.99 -5.13
N ASP B 61 -32.75 -7.09 -4.17
CA ASP B 61 -31.95 -5.90 -4.05
C ASP B 61 -30.53 -6.12 -4.58
N PHE B 62 -29.80 -6.98 -3.87
CA PHE B 62 -28.35 -7.09 -3.96
C PHE B 62 -27.94 -8.43 -4.55
N LEU B 63 -27.16 -8.36 -5.62
CA LEU B 63 -26.60 -9.55 -6.29
C LEU B 63 -27.65 -10.64 -6.53
N PRO B 64 -28.73 -10.28 -7.24
CA PRO B 64 -29.80 -11.25 -7.42
C PRO B 64 -29.32 -12.33 -8.40
N GLY B 65 -29.76 -13.57 -8.21
CA GLY B 65 -29.35 -14.67 -9.10
C GLY B 65 -28.02 -15.33 -8.78
N LEU B 67 -25.19 -17.31 -6.38
CA LEU B 67 -25.19 -18.40 -5.41
C LEU B 67 -24.54 -17.93 -4.11
N ASP B 68 -25.13 -18.32 -2.98
CA ASP B 68 -24.52 -18.07 -1.66
C ASP B 68 -24.03 -19.41 -1.15
N ALA B 69 -22.77 -19.45 -0.71
CA ALA B 69 -22.18 -20.65 -0.10
C ALA B 69 -22.64 -20.81 1.35
N THR B 70 -23.32 -19.79 1.87
CA THR B 70 -23.73 -19.78 3.28
C THR B 70 -25.16 -19.30 3.44
N ALA B 71 -25.85 -19.74 4.49
CA ALA B 71 -27.07 -19.07 4.93
C ALA B 71 -26.67 -17.81 5.72
N GLY B 72 -27.62 -16.93 6.02
CA GLY B 72 -27.33 -15.76 6.81
C GLY B 72 -27.76 -14.47 6.14
N GLY B 73 -27.43 -13.33 6.74
CA GLY B 73 -27.76 -12.06 6.13
C GLY B 73 -27.46 -10.91 7.06
N VAL B 74 -28.04 -9.76 6.75
CA VAL B 74 -27.69 -8.51 7.45
C VAL B 74 -28.22 -8.53 8.89
N VAL B 75 -27.37 -8.13 9.83
CA VAL B 75 -27.74 -8.03 11.23
C VAL B 75 -28.53 -6.74 11.42
N GLN B 76 -29.74 -6.88 11.95
CA GLN B 76 -30.62 -5.72 12.06
C GLN B 76 -30.32 -4.97 13.34
N ALA B 77 -30.83 -3.74 13.46
CA ALA B 77 -30.40 -2.87 14.56
C ALA B 77 -30.62 -3.51 15.92
N ASP B 78 -29.55 -3.46 16.70
CA ASP B 78 -29.57 -3.99 18.07
C ASP B 78 -29.73 -5.51 18.22
N GLU B 79 -29.59 -6.28 17.14
CA GLU B 79 -29.67 -7.75 17.22
C GLU B 79 -28.38 -8.31 17.77
N GLN B 80 -28.47 -9.34 18.62
CA GLN B 80 -27.26 -10.06 18.98
CA GLN B 80 -27.32 -10.16 19.04
C GLN B 80 -26.95 -11.05 17.86
N LEU B 81 -25.65 -11.34 17.67
CA LEU B 81 -25.20 -12.12 16.50
C LEU B 81 -25.84 -13.51 16.41
N LEU B 82 -25.87 -14.27 17.50
CA LEU B 82 -26.37 -15.63 17.41
C LEU B 82 -27.87 -15.61 17.11
N GLU B 83 -28.61 -14.73 17.78
CA GLU B 83 -30.04 -14.65 17.55
C GLU B 83 -30.32 -14.21 16.10
N SER B 84 -29.45 -13.36 15.55
CA SER B 84 -29.59 -12.87 14.20
C SER B 84 -29.37 -14.03 13.19
N ALA B 85 -28.28 -14.77 13.36
CA ALA B 85 -28.01 -15.96 12.57
C ALA B 85 -29.18 -16.94 12.60
N ARG B 86 -29.71 -17.20 13.80
CA ARG B 86 -30.82 -18.16 13.93
CA ARG B 86 -30.83 -18.14 13.97
C ARG B 86 -32.09 -17.66 13.23
N ARG B 87 -32.39 -16.37 13.34
CA ARG B 87 -33.54 -15.78 12.65
C ARG B 87 -33.37 -15.95 11.12
N GLU B 88 -32.17 -15.68 10.64
CA GLU B 88 -31.87 -15.76 9.21
C GLU B 88 -32.03 -17.19 8.66
N ALA B 89 -31.47 -18.17 9.39
CA ALA B 89 -31.62 -19.59 8.98
C ALA B 89 -33.08 -20.02 8.95
N GLU B 90 -33.86 -19.55 9.90
CA GLU B 90 -35.30 -19.86 9.98
C GLU B 90 -36.03 -19.21 8.80
N GLU B 91 -35.75 -17.94 8.52
CA GLU B 91 -36.38 -17.24 7.41
C GLU B 91 -36.01 -17.85 6.07
N GLU B 92 -34.73 -18.21 5.88
CA GLU B 92 -34.29 -18.69 4.58
C GLU B 92 -34.57 -20.17 4.33
N LEU B 93 -34.44 -20.98 5.37
CA LEU B 93 -34.45 -22.44 5.21
C LEU B 93 -35.47 -23.13 6.05
N GLY B 94 -36.14 -22.40 6.92
CA GLY B 94 -37.15 -22.99 7.78
C GLY B 94 -36.61 -23.90 8.86
N ILE B 95 -35.34 -23.76 9.20
CA ILE B 95 -34.76 -24.56 10.30
C ILE B 95 -34.69 -23.74 11.61
N ALA B 96 -34.88 -24.41 12.75
CA ALA B 96 -34.87 -23.75 14.05
C ALA B 96 -34.39 -24.76 15.08
N GLY B 97 -33.60 -24.31 16.06
CA GLY B 97 -33.17 -25.24 17.14
C GLY B 97 -32.06 -26.21 16.73
N VAL B 98 -31.43 -25.98 15.59
CA VAL B 98 -30.28 -26.78 15.10
C VAL B 98 -29.03 -26.23 15.80
N PRO B 99 -28.21 -27.08 16.45
CA PRO B 99 -26.99 -26.48 17.05
C PRO B 99 -26.13 -25.70 16.05
N PHE B 100 -25.61 -24.56 16.47
CA PHE B 100 -24.78 -23.71 15.62
C PHE B 100 -23.42 -23.68 16.30
N ALA B 101 -22.36 -24.05 15.58
CA ALA B 101 -21.00 -23.80 16.11
C ALA B 101 -20.51 -22.43 15.66
N GLU B 102 -19.79 -21.73 16.54
CA GLU B 102 -19.31 -20.39 16.30
C GLU B 102 -17.85 -20.46 15.87
N HIS B 103 -17.48 -19.65 14.87
CA HIS B 103 -16.13 -19.73 14.29
C HIS B 103 -15.53 -18.36 14.08
N GLY B 104 -15.79 -17.49 15.05
CA GLY B 104 -15.25 -16.15 15.01
C GLY B 104 -15.84 -15.20 13.98
N GLN B 105 -14.97 -14.28 13.56
CA GLN B 105 -15.38 -13.17 12.73
C GLN B 105 -14.39 -12.92 11.58
N PHE B 106 -14.82 -12.15 10.59
CA PHE B 106 -13.94 -11.76 9.50
C PHE B 106 -14.47 -10.47 8.91
N TYR B 107 -13.59 -9.70 8.28
CA TYR B 107 -14.01 -8.48 7.60
C TYR B 107 -13.87 -8.71 6.10
N PHE B 108 -14.87 -8.30 5.32
CA PHE B 108 -14.81 -8.42 3.87
C PHE B 108 -15.12 -7.07 3.24
N GLU B 109 -14.40 -6.71 2.20
CA GLU B 109 -14.70 -5.48 1.50
C GLU B 109 -14.36 -5.65 0.03
N ASP B 110 -15.32 -5.33 -0.82
CA ASP B 110 -15.04 -5.02 -2.20
C ASP B 110 -15.81 -3.77 -2.61
N LYS B 111 -16.04 -3.62 -3.92
CA LYS B 111 -16.70 -2.44 -4.45
C LYS B 111 -18.18 -2.37 -4.04
N ASN B 112 -18.77 -3.55 -3.91
CA ASN B 112 -20.20 -3.73 -3.68
C ASN B 112 -20.60 -3.76 -2.23
N CYS B 113 -19.66 -3.98 -1.32
CA CYS B 113 -20.02 -4.13 0.09
C CYS B 113 -18.88 -4.09 1.10
N ARG B 114 -19.22 -3.76 2.33
CA ARG B 114 -18.28 -3.61 3.42
C ARG B 114 -18.94 -4.27 4.63
N VAL B 115 -18.37 -5.36 5.12
CA VAL B 115 -19.08 -6.15 6.14
C VAL B 115 -18.15 -6.82 7.15
N TRP B 116 -18.48 -6.67 8.41
CA TRP B 116 -17.92 -7.50 9.45
C TRP B 116 -18.83 -8.76 9.61
N GLY B 117 -18.37 -9.93 9.16
CA GLY B 117 -19.15 -11.16 9.17
C GLY B 117 -18.87 -11.97 10.41
N ALA B 118 -19.93 -12.52 11.00
CA ALA B 118 -19.81 -13.50 12.07
C ALA B 118 -20.09 -14.89 11.48
N LEU B 119 -19.17 -15.83 11.69
CA LEU B 119 -19.18 -17.12 11.03
C LEU B 119 -19.68 -18.20 11.97
N PHE B 120 -20.65 -18.98 11.48
CA PHE B 120 -21.22 -20.13 12.19
C PHE B 120 -21.27 -21.31 11.23
N SER B 121 -21.56 -22.49 11.78
CA SER B 121 -21.83 -23.65 10.95
C SER B 121 -22.84 -24.55 11.67
N CYS B 122 -23.55 -25.36 10.89
CA CYS B 122 -24.49 -26.31 11.48
C CYS B 122 -24.72 -27.51 10.54
N VAL B 123 -25.14 -28.63 11.14
CA VAL B 123 -25.48 -29.81 10.35
C VAL B 123 -27.00 -29.95 10.29
N SER B 124 -27.53 -29.95 9.07
CA SER B 124 -28.94 -30.23 8.87
C SER B 124 -29.05 -31.01 7.57
N HIS B 125 -29.98 -31.97 7.53
CA HIS B 125 -30.33 -32.61 6.25
C HIS B 125 -31.73 -32.18 5.83
N GLY B 126 -32.25 -31.12 6.45
CA GLY B 126 -33.62 -30.69 6.19
C GLY B 126 -34.64 -31.39 7.08
N PRO B 127 -35.95 -31.30 6.71
CA PRO B 127 -36.41 -30.68 5.45
C PRO B 127 -36.15 -29.19 5.39
N PHE B 128 -36.03 -28.63 4.19
CA PHE B 128 -35.85 -27.18 4.07
C PHE B 128 -37.12 -26.56 3.52
N ALA B 129 -37.60 -25.51 4.18
CA ALA B 129 -38.78 -24.74 3.75
C ALA B 129 -38.30 -23.41 3.21
N LEU B 130 -38.42 -23.23 1.89
CA LEU B 130 -37.80 -22.09 1.25
C LEU B 130 -38.81 -20.99 1.04
N GLN B 131 -38.33 -19.79 0.81
CA GLN B 131 -39.17 -18.63 0.55
C GLN B 131 -38.83 -18.07 -0.80
N GLU B 132 -39.84 -17.90 -1.64
CA GLU B 132 -39.65 -17.43 -3.02
C GLU B 132 -39.02 -16.04 -3.09
N ASP B 133 -39.14 -15.28 -2.02
CA ASP B 133 -38.52 -13.94 -1.96
C ASP B 133 -37.11 -13.93 -1.31
N GLU B 134 -36.62 -15.08 -0.88
CA GLU B 134 -35.25 -15.22 -0.39
C GLU B 134 -34.45 -16.03 -1.43
N VAL B 135 -34.94 -17.24 -1.77
CA VAL B 135 -34.17 -18.14 -2.63
C VAL B 135 -35.04 -18.86 -3.65
N SER B 136 -34.43 -19.25 -4.77
CA SER B 136 -35.12 -20.01 -5.80
C SER B 136 -34.75 -21.51 -5.82
N GLU B 137 -33.73 -21.89 -5.04
CA GLU B 137 -33.14 -23.21 -5.12
C GLU B 137 -32.10 -23.34 -4.03
N VAL B 138 -32.00 -24.55 -3.47
CA VAL B 138 -30.85 -24.96 -2.65
C VAL B 138 -30.29 -26.28 -3.21
N CYS B 139 -29.00 -26.51 -3.02
CA CYS B 139 -28.35 -27.65 -3.65
C CYS B 139 -27.15 -28.04 -2.81
N TRP B 140 -26.98 -29.34 -2.53
CA TRP B 140 -25.77 -29.81 -1.87
C TRP B 140 -24.64 -29.89 -2.87
N LEU B 141 -23.53 -29.22 -2.56
CA LEU B 141 -22.33 -29.25 -3.40
C LEU B 141 -21.08 -29.47 -2.55
N THR B 142 -20.08 -30.16 -3.12
CA THR B 142 -18.78 -30.31 -2.46
C THR B 142 -18.06 -28.98 -2.53
N PRO B 143 -17.17 -28.71 -1.55
CA PRO B 143 -16.35 -27.49 -1.59
C PRO B 143 -15.52 -27.39 -2.87
N GLU B 144 -15.13 -28.54 -3.42
CA GLU B 144 -14.37 -28.54 -4.67
C GLU B 144 -15.25 -28.14 -5.85
N GLU B 145 -16.49 -28.65 -5.89
CA GLU B 145 -17.51 -28.19 -6.87
C GLU B 145 -17.81 -26.67 -6.78
N ILE B 146 -17.89 -26.14 -5.55
CA ILE B 146 -18.05 -24.70 -5.33
C ILE B 146 -16.85 -23.90 -5.90
N THR B 147 -15.64 -24.31 -5.56
CA THR B 147 -14.43 -23.60 -6.02
C THR B 147 -14.37 -23.60 -7.54
N ALA B 148 -14.78 -24.71 -8.14
CA ALA B 148 -14.84 -24.87 -9.59
C ALA B 148 -15.85 -23.93 -10.27
N ARG B 149 -16.82 -23.44 -9.49
CA ARG B 149 -17.87 -22.55 -10.00
C ARG B 149 -17.83 -21.18 -9.32
N CYS B 150 -16.65 -20.76 -8.89
CA CYS B 150 -16.58 -19.63 -7.95
C CYS B 150 -17.12 -18.33 -8.58
N ASP B 151 -17.02 -18.23 -9.91
CA ASP B 151 -17.58 -17.08 -10.63
C ASP B 151 -19.09 -16.87 -10.40
N GLU B 152 -19.78 -17.94 -10.02
CA GLU B 152 -21.22 -17.92 -9.72
C GLU B 152 -21.60 -17.52 -8.29
N PHE B 153 -20.60 -17.49 -7.41
CA PHE B 153 -20.87 -17.28 -5.99
C PHE B 153 -20.66 -15.84 -5.56
N THR B 154 -21.45 -15.40 -4.58
CA THR B 154 -21.18 -14.12 -3.94
C THR B 154 -19.78 -14.21 -3.26
N PRO B 155 -18.90 -13.21 -3.48
CA PRO B 155 -17.56 -13.37 -2.92
C PRO B 155 -17.47 -13.30 -1.39
N ASP B 156 -18.45 -12.70 -0.70
CA ASP B 156 -18.40 -12.68 0.77
C ASP B 156 -18.72 -14.07 1.33
N SER B 157 -19.70 -14.76 0.74
CA SER B 157 -20.03 -16.13 1.16
C SER B 157 -18.89 -17.12 0.84
N LEU B 158 -18.11 -16.88 -0.23
CA LEU B 158 -16.94 -17.71 -0.55
C LEU B 158 -15.84 -17.49 0.46
N LYS B 159 -15.69 -16.24 0.89
CA LYS B 159 -14.71 -15.91 1.91
C LYS B 159 -15.11 -16.63 3.16
N ALA B 160 -16.40 -16.56 3.52
CA ALA B 160 -16.90 -17.26 4.70
C ALA B 160 -16.62 -18.78 4.67
N LEU B 161 -16.94 -19.44 3.55
CA LEU B 161 -16.70 -20.86 3.41
C LEU B 161 -15.21 -21.17 3.56
N ALA B 162 -14.36 -20.39 2.87
CA ALA B 162 -12.91 -20.64 2.93
C ALA B 162 -12.35 -20.59 4.37
N LEU B 163 -12.77 -19.60 5.16
CA LEU B 163 -12.37 -19.50 6.57
C LEU B 163 -12.86 -20.65 7.45
N TRP B 164 -14.12 -21.05 7.25
CA TRP B 164 -14.65 -22.26 7.88
C TRP B 164 -13.79 -23.49 7.53
N LYS B 166 -10.67 -23.53 6.64
CA LYS B 166 -9.39 -23.30 7.31
C LYS B 166 -9.48 -23.57 8.81
N ARG B 167 -10.50 -23.01 9.47
CA ARG B 167 -10.69 -23.20 10.92
C ARG B 167 -11.08 -24.64 11.20
N ASN B 168 -10.05 -25.45 11.49
CA ASN B 168 -10.09 -26.92 11.48
C ASN B 168 -11.41 -27.54 11.96
N GLU C 2 37.23 -3.87 6.47
CA GLU C 2 37.20 -2.55 7.17
C GLU C 2 36.63 -1.41 6.30
N GLN C 3 36.55 -0.21 6.89
CA GLN C 3 35.97 0.96 6.23
C GLN C 3 36.82 1.51 5.08
N ARG C 4 38.14 1.59 5.27
CA ARG C 4 39.04 2.07 4.23
C ARG C 4 38.99 1.14 3.02
N ARG C 5 38.84 -0.16 3.29
CA ARG C 5 38.64 -1.19 2.25
C ARG C 5 37.30 -1.01 1.51
N LEU C 6 36.31 -0.40 2.17
CA LEU C 6 35.00 -0.15 1.57
C LEU C 6 35.01 0.99 0.52
N ALA C 7 36.09 1.77 0.50
CA ALA C 7 36.44 2.58 -0.69
C ALA C 7 37.08 1.67 -1.77
N SER C 8 36.25 0.74 -2.27
CA SER C 8 36.44 -0.02 -3.50
C SER C 8 35.35 0.49 -4.47
N THR C 9 34.79 1.65 -4.08
CA THR C 9 33.77 2.35 -4.86
C THR C 9 34.37 2.93 -6.14
N GLU C 10 35.69 2.96 -6.20
CA GLU C 10 36.37 3.51 -7.36
C GLU C 10 36.88 2.40 -8.26
N TRP C 11 36.41 1.19 -8.01
CA TRP C 11 36.73 0.02 -8.84
C TRP C 11 35.51 -0.49 -9.61
N VAL C 12 35.75 -0.90 -10.85
CA VAL C 12 34.70 -1.28 -11.78
C VAL C 12 35.06 -2.62 -12.46
N ASP C 13 34.04 -3.44 -12.76
CA ASP C 13 34.28 -4.67 -13.51
C ASP C 13 34.52 -4.32 -14.97
N ILE C 14 35.53 -4.96 -15.54
CA ILE C 14 35.85 -4.80 -16.97
C ILE C 14 35.36 -6.08 -17.64
N VAL C 15 34.59 -5.92 -18.71
CA VAL C 15 33.91 -7.05 -19.32
C VAL C 15 34.33 -7.21 -20.78
N ASN C 16 34.22 -8.45 -21.29
CA ASN C 16 34.44 -8.75 -22.70
C ASN C 16 33.20 -8.44 -23.55
N GLU C 17 33.22 -8.83 -24.82
CA GLU C 17 32.10 -8.50 -25.71
C GLU C 17 30.77 -9.12 -25.28
N GLU C 18 30.84 -10.27 -24.62
CA GLU C 18 29.67 -11.00 -24.12
C GLU C 18 29.25 -10.57 -22.72
N ASN C 19 29.82 -9.47 -22.21
CA ASN C 19 29.48 -8.98 -20.87
C ASN C 19 29.78 -9.99 -19.78
N GLU C 20 30.93 -10.66 -19.90
CA GLU C 20 31.47 -11.48 -18.83
C GLU C 20 32.66 -10.73 -18.22
N VAL C 21 32.80 -10.78 -16.90
CA VAL C 21 33.83 -10.04 -16.18
C VAL C 21 35.16 -10.70 -16.45
N ILE C 22 36.13 -9.93 -16.94
CA ILE C 22 37.45 -10.47 -17.21
C ILE C 22 38.52 -9.74 -16.41
N ALA C 23 38.14 -8.66 -15.72
CA ALA C 23 39.12 -7.87 -14.93
C ALA C 23 38.40 -6.87 -14.03
N GLN C 24 39.15 -6.18 -13.18
CA GLN C 24 38.62 -5.03 -12.43
C GLN C 24 39.63 -3.92 -12.58
N ALA C 25 39.16 -2.70 -12.77
CA ALA C 25 40.03 -1.57 -12.98
C ALA C 25 39.54 -0.46 -12.11
N SER C 26 40.44 0.46 -11.76
CA SER C 26 40.00 1.72 -11.19
C SER C 26 39.15 2.50 -12.21
N ARG C 27 38.23 3.32 -11.70
CA ARG C 27 37.38 4.12 -12.55
C ARG C 27 38.25 4.98 -13.47
N GLU C 28 39.31 5.56 -12.94
CA GLU C 28 40.21 6.41 -13.74
C GLU C 28 40.93 5.61 -14.85
N GLN C 29 41.33 4.38 -14.54
CA GLN C 29 41.98 3.51 -15.53
C GLN C 29 40.97 3.11 -16.59
N ARG C 31 38.46 4.90 -17.67
CA ARG C 31 38.27 6.07 -18.54
C ARG C 31 39.46 6.35 -19.43
N ALA C 32 40.65 6.32 -18.84
CA ALA C 32 41.88 6.53 -19.58
C ALA C 32 42.04 5.56 -20.76
N GLN C 33 41.58 4.32 -20.62
CA GLN C 33 41.78 3.32 -21.67
C GLN C 33 40.51 2.92 -22.42
N CYS C 34 39.38 3.57 -22.11
CA CYS C 34 38.10 3.26 -22.75
CA CYS C 34 38.10 3.26 -22.75
C CYS C 34 37.71 1.80 -22.53
N LEU C 35 37.95 1.29 -21.32
CA LEU C 35 37.64 -0.12 -21.06
C LEU C 35 36.15 -0.40 -21.05
N ARG C 36 35.77 -1.55 -21.61
CA ARG C 36 34.39 -1.94 -21.63
C ARG C 36 33.95 -2.22 -20.21
N HIS C 37 32.84 -1.60 -19.81
CA HIS C 37 32.41 -1.71 -18.41
C HIS C 37 30.87 -1.75 -18.38
N ARG C 38 30.29 -1.80 -17.18
CA ARG C 38 28.84 -1.80 -17.03
C ARG C 38 28.32 -0.47 -16.48
N ALA C 39 27.16 -0.02 -16.96
CA ALA C 39 26.50 1.15 -16.39
C ALA C 39 25.00 0.93 -16.23
N THR C 40 24.36 1.68 -15.32
CA THR C 40 22.90 1.65 -15.24
C THR C 40 22.38 2.95 -15.86
N TYR C 41 21.18 2.86 -16.43
CA TYR C 41 20.47 3.96 -17.11
C TYR C 41 19.05 3.86 -16.58
N ILE C 42 18.58 4.89 -15.87
CA ILE C 42 17.23 4.93 -15.36
C ILE C 42 16.49 6.09 -16.03
N VAL C 43 15.41 5.76 -16.74
CA VAL C 43 14.55 6.79 -17.29
C VAL C 43 13.69 7.26 -16.16
N VAL C 44 13.87 8.52 -15.76
CA VAL C 44 12.99 9.09 -14.76
C VAL C 44 11.88 9.81 -15.51
N HIS C 45 10.64 9.36 -15.35
CA HIS C 45 9.55 9.97 -16.11
C HIS C 45 8.39 10.41 -15.21
N ASP C 46 7.53 11.30 -15.71
CA ASP C 46 6.48 11.86 -14.85
C ASP C 46 5.11 11.22 -14.96
N GLY C 47 4.97 10.23 -15.84
CA GLY C 47 3.67 9.61 -16.08
C GLY C 47 2.77 10.47 -16.95
N GLY C 49 4.15 11.94 -19.86
CA GLY C 49 4.92 12.03 -21.09
C GLY C 49 6.18 12.89 -21.06
N LYS C 50 6.68 13.23 -19.86
CA LYS C 50 7.97 13.91 -19.82
C LYS C 50 9.05 13.10 -19.10
N ILE C 51 10.30 13.47 -19.38
CA ILE C 51 11.51 12.75 -18.96
C ILE C 51 12.34 13.77 -18.19
N LEU C 52 12.84 13.38 -17.02
CA LEU C 52 13.74 14.30 -16.31
C LEU C 52 15.18 14.18 -16.83
N VAL C 53 15.60 15.25 -17.44
CA VAL C 53 16.91 15.33 -18.04
C VAL C 53 17.88 15.98 -17.05
N GLN C 54 19.17 15.65 -17.14
CA GLN C 54 20.21 16.16 -16.21
C GLN C 54 21.34 16.84 -16.95
N ARG C 55 21.75 18.00 -16.48
CA ARG C 55 22.96 18.66 -17.01
C ARG C 55 24.16 18.26 -16.14
N ARG C 56 25.14 17.60 -16.77
CA ARG C 56 26.33 17.09 -16.08
C ARG C 56 27.14 18.26 -15.50
N THR C 57 27.55 18.19 -14.21
CA THR C 57 28.45 19.25 -13.66
C THR C 57 29.71 19.30 -14.46
N GLU C 58 30.22 20.52 -14.68
CA GLU C 58 31.49 20.70 -15.42
C GLU C 58 32.76 20.14 -14.72
N THR C 59 32.60 19.66 -13.48
CA THR C 59 33.69 19.05 -12.72
C THR C 59 33.62 17.52 -12.92
N LYS C 60 32.69 17.11 -13.79
CA LYS C 60 32.43 15.69 -14.00
C LYS C 60 33.64 15.00 -14.64
N ASP C 61 34.09 13.96 -13.95
CA ASP C 61 34.81 12.84 -14.49
C ASP C 61 34.93 12.79 -16.03
N PHE C 62 33.80 12.84 -16.75
CA PHE C 62 33.68 12.42 -18.17
C PHE C 62 32.52 13.20 -18.82
N LEU C 63 32.78 13.77 -20.00
CA LEU C 63 31.78 14.56 -20.75
C LEU C 63 31.07 15.61 -19.86
N PRO C 64 31.82 16.64 -19.41
CA PRO C 64 31.24 17.68 -18.57
C PRO C 64 30.32 18.59 -19.38
N GLY C 65 29.23 19.05 -18.76
CA GLY C 65 28.30 20.01 -19.40
C GLY C 65 27.27 19.47 -20.39
N LEU C 67 24.09 16.88 -21.63
CA LEU C 67 22.84 16.49 -21.03
C LEU C 67 22.72 14.97 -21.03
N ASP C 68 22.25 14.45 -19.89
CA ASP C 68 21.92 13.04 -19.79
C ASP C 68 20.40 12.90 -19.86
N ALA C 69 19.94 12.02 -20.74
CA ALA C 69 18.49 11.69 -20.82
C ALA C 69 18.05 10.74 -19.72
N THR C 70 19.00 10.23 -18.94
CA THR C 70 18.77 9.21 -17.88
C THR C 70 19.58 9.49 -16.62
N ALA C 71 19.08 9.00 -15.47
CA ALA C 71 19.86 8.94 -14.24
C ALA C 71 20.77 7.68 -14.36
N GLY C 72 21.78 7.55 -13.52
CA GLY C 72 22.57 6.33 -13.47
C GLY C 72 24.07 6.59 -13.67
N GLY C 73 24.83 5.53 -13.82
CA GLY C 73 26.26 5.68 -13.96
C GLY C 73 26.95 4.32 -13.85
N VAL C 74 28.26 4.33 -13.57
CA VAL C 74 29.05 3.11 -13.64
C VAL C 74 28.68 2.16 -12.50
N VAL C 75 28.57 0.87 -12.82
CA VAL C 75 28.42 -0.17 -11.81
C VAL C 75 29.78 -0.42 -11.13
N GLN C 76 29.78 -0.36 -9.80
CA GLN C 76 30.98 -0.66 -9.04
C GLN C 76 31.24 -2.17 -9.05
N ALA C 77 32.50 -2.57 -8.89
CA ALA C 77 32.85 -3.97 -9.05
C ALA C 77 32.02 -4.84 -8.11
N ASP C 78 31.48 -5.93 -8.67
CA ASP C 78 30.60 -6.88 -8.00
C ASP C 78 29.34 -6.30 -7.28
N GLU C 79 28.92 -5.09 -7.67
CA GLU C 79 27.68 -4.45 -7.19
C GLU C 79 26.51 -5.07 -7.94
N GLN C 80 25.40 -5.40 -7.27
CA GLN C 80 24.21 -5.91 -7.99
C GLN C 80 23.66 -4.74 -8.84
N LEU C 81 23.09 -5.02 -10.01
CA LEU C 81 22.65 -3.99 -10.93
C LEU C 81 21.50 -3.11 -10.37
N LEU C 82 20.49 -3.74 -9.75
CA LEU C 82 19.40 -2.95 -9.15
C LEU C 82 19.90 -2.09 -7.99
N GLU C 83 20.74 -2.68 -7.15
CA GLU C 83 21.38 -1.99 -6.05
C GLU C 83 22.14 -0.76 -6.60
N SER C 84 22.88 -0.99 -7.67
CA SER C 84 23.68 0.04 -8.28
C SER C 84 22.81 1.19 -8.79
N ALA C 85 21.73 0.86 -9.49
CA ALA C 85 20.79 1.86 -10.02
C ALA C 85 20.18 2.73 -8.93
N ARG C 86 19.78 2.07 -7.83
CA ARG C 86 19.19 2.77 -6.68
CA ARG C 86 19.19 2.74 -6.66
C ARG C 86 20.19 3.71 -6.01
N ARG C 87 21.45 3.28 -5.91
CA ARG C 87 22.53 4.11 -5.39
C ARG C 87 22.70 5.34 -6.26
N GLU C 88 22.82 5.14 -7.57
CA GLU C 88 23.01 6.26 -8.49
C GLU C 88 21.85 7.27 -8.43
N ALA C 89 20.62 6.80 -8.51
CA ALA C 89 19.47 7.69 -8.39
C ALA C 89 19.47 8.51 -7.10
N GLU C 90 19.84 7.88 -5.99
CA GLU C 90 19.89 8.62 -4.74
C GLU C 90 21.04 9.66 -4.73
N GLU C 91 22.20 9.28 -5.26
CA GLU C 91 23.36 10.14 -5.25
C GLU C 91 23.08 11.33 -6.16
N GLU C 92 22.40 11.08 -7.28
CA GLU C 92 22.16 12.15 -8.28
C GLU C 92 20.96 13.01 -7.99
N LEU C 93 19.88 12.41 -7.49
CA LEU C 93 18.59 13.08 -7.43
C LEU C 93 17.99 13.08 -6.03
N GLY C 94 18.62 12.36 -5.09
CA GLY C 94 18.11 12.29 -3.70
C GLY C 94 16.83 11.48 -3.56
N ILE C 95 16.53 10.62 -4.53
CA ILE C 95 15.36 9.75 -4.44
C ILE C 95 15.74 8.35 -3.94
N ALA C 96 14.85 7.79 -3.12
CA ALA C 96 15.08 6.49 -2.50
C ALA C 96 13.73 5.80 -2.28
N GLY C 97 13.65 4.52 -2.59
CA GLY C 97 12.44 3.75 -2.32
C GLY C 97 11.43 3.84 -3.42
N VAL C 98 11.80 4.47 -4.54
CA VAL C 98 10.88 4.60 -5.67
C VAL C 98 10.98 3.28 -6.45
N PRO C 99 9.82 2.65 -6.79
CA PRO C 99 9.86 1.41 -7.59
C PRO C 99 10.60 1.60 -8.92
N PHE C 100 11.46 0.66 -9.26
CA PHE C 100 12.17 0.69 -10.56
C PHE C 100 11.65 -0.48 -11.37
N ALA C 101 11.15 -0.24 -12.57
CA ALA C 101 10.83 -1.29 -13.55
C ALA C 101 12.10 -1.62 -14.32
N GLU C 102 12.30 -2.90 -14.63
CA GLU C 102 13.51 -3.35 -15.31
C GLU C 102 13.21 -3.55 -16.78
N HIS C 103 14.10 -3.07 -17.64
CA HIS C 103 13.83 -3.12 -19.09
C HIS C 103 15.01 -3.70 -19.89
N GLY C 104 15.65 -4.73 -19.33
CA GLY C 104 16.69 -5.48 -20.04
C GLY C 104 17.99 -4.71 -20.19
N GLN C 105 18.75 -5.04 -21.24
CA GLN C 105 20.11 -4.52 -21.42
C GLN C 105 20.36 -4.03 -22.85
N PHE C 106 21.44 -3.29 -23.04
CA PHE C 106 21.85 -2.85 -24.37
C PHE C 106 23.37 -2.68 -24.37
N TYR C 107 23.97 -2.73 -25.57
CA TYR C 107 25.39 -2.42 -25.72
C TYR C 107 25.57 -1.11 -26.50
N PHE C 108 26.54 -0.31 -26.08
CA PHE C 108 26.84 0.94 -26.72
C PHE C 108 28.34 1.13 -26.76
N GLU C 109 28.83 1.63 -27.90
CA GLU C 109 30.22 2.00 -27.99
C GLU C 109 30.41 3.13 -28.98
N ASP C 110 31.39 3.99 -28.69
CA ASP C 110 31.85 5.03 -29.61
C ASP C 110 33.28 5.40 -29.24
N LYS C 111 33.77 6.47 -29.84
CA LYS C 111 35.10 7.03 -29.57
C LYS C 111 35.37 7.30 -28.09
N ASN C 112 34.32 7.51 -27.31
CA ASN C 112 34.49 7.86 -25.90
C ASN C 112 34.27 6.75 -24.88
N CYS C 113 33.65 5.65 -25.28
CA CYS C 113 33.29 4.61 -24.30
C CYS C 113 32.85 3.28 -24.90
N ARG C 114 32.85 2.25 -24.06
CA ARG C 114 32.29 0.97 -24.40
C ARG C 114 31.54 0.51 -23.18
N VAL C 115 30.25 0.21 -23.34
CA VAL C 115 29.40 0.02 -22.18
C VAL C 115 28.26 -0.99 -22.41
N TRP C 116 28.15 -1.96 -21.51
CA TRP C 116 26.95 -2.75 -21.39
C TRP C 116 26.05 -2.01 -20.38
N GLY C 117 24.93 -1.48 -20.85
CA GLY C 117 24.02 -0.71 -20.02
C GLY C 117 22.87 -1.59 -19.56
N ALA C 118 22.50 -1.47 -18.28
CA ALA C 118 21.27 -2.05 -17.77
C ALA C 118 20.21 -0.92 -17.64
N LEU C 119 19.03 -1.19 -18.19
CA LEU C 119 17.99 -0.17 -18.35
C LEU C 119 16.86 -0.34 -17.33
N PHE C 120 16.55 0.75 -16.63
CA PHE C 120 15.46 0.80 -15.65
C PHE C 120 14.61 2.02 -15.96
N SER C 121 13.41 2.09 -15.37
CA SER C 121 12.68 3.34 -15.35
C SER C 121 11.98 3.50 -14.00
N CYS C 122 11.62 4.75 -13.67
CA CYS C 122 10.81 5.04 -12.48
C CYS C 122 10.02 6.34 -12.67
N VAL C 123 8.92 6.45 -11.94
CA VAL C 123 8.11 7.67 -11.91
C VAL C 123 8.35 8.38 -10.56
N SER C 124 8.81 9.62 -10.63
CA SER C 124 8.94 10.48 -9.48
C SER C 124 8.57 11.88 -9.91
N HIS C 125 7.93 12.64 -9.03
CA HIS C 125 7.75 14.07 -9.29
C HIS C 125 8.62 14.91 -8.36
N GLY C 126 9.62 14.29 -7.76
CA GLY C 126 10.43 14.95 -6.79
C GLY C 126 9.80 14.87 -5.40
N PRO C 127 10.30 15.68 -4.46
CA PRO C 127 11.37 16.67 -4.69
C PRO C 127 12.68 16.01 -5.06
N PHE C 128 13.57 16.75 -5.72
CA PHE C 128 14.85 16.27 -6.08
C PHE C 128 15.87 17.07 -5.31
N ALA C 129 16.75 16.34 -4.64
CA ALA C 129 17.84 16.90 -3.87
C ALA C 129 19.04 16.61 -4.72
N LEU C 130 19.56 17.64 -5.38
CA LEU C 130 20.65 17.50 -6.33
C LEU C 130 21.99 17.75 -5.67
N GLN C 131 23.03 17.21 -6.31
CA GLN C 131 24.39 17.35 -5.83
C GLN C 131 25.22 18.09 -6.86
N GLU C 132 25.79 19.22 -6.46
CA GLU C 132 26.65 20.03 -7.30
C GLU C 132 27.80 19.17 -7.84
N ASP C 133 27.96 17.99 -7.22
CA ASP C 133 28.99 16.98 -7.50
C ASP C 133 28.55 15.93 -8.55
N GLU C 134 27.27 15.97 -8.93
CA GLU C 134 26.74 15.11 -9.98
C GLU C 134 26.14 15.99 -11.09
N VAL C 135 25.30 16.98 -10.73
CA VAL C 135 24.51 17.75 -11.70
C VAL C 135 24.38 19.26 -11.41
N SER C 136 24.19 20.05 -12.47
CA SER C 136 23.95 21.49 -12.32
C SER C 136 22.47 21.96 -12.58
N GLU C 137 21.68 21.11 -13.22
CA GLU C 137 20.31 21.42 -13.53
C GLU C 137 19.61 20.11 -13.86
N VAL C 138 18.33 20.04 -13.49
CA VAL C 138 17.46 18.99 -14.00
C VAL C 138 16.27 19.69 -14.63
N CYS C 139 15.70 19.08 -15.66
CA CYS C 139 14.60 19.74 -16.39
C CYS C 139 13.69 18.65 -16.96
N TRP C 140 12.39 18.83 -16.87
CA TRP C 140 11.42 17.91 -17.47
C TRP C 140 11.28 18.27 -18.95
N LEU C 141 11.51 17.28 -19.84
CA LEU C 141 11.40 17.50 -21.30
C LEU C 141 10.65 16.36 -21.94
N THR C 142 9.90 16.65 -23.01
CA THR C 142 9.30 15.59 -23.82
C THR C 142 10.40 14.89 -24.58
N PRO C 143 10.19 13.61 -24.91
CA PRO C 143 11.11 12.90 -25.81
C PRO C 143 11.24 13.61 -27.16
N GLU C 144 10.13 14.20 -27.63
CA GLU C 144 10.18 15.02 -28.84
C GLU C 144 11.25 16.10 -28.75
N GLU C 145 11.27 16.84 -27.63
CA GLU C 145 12.26 17.90 -27.45
C GLU C 145 13.67 17.38 -27.26
N ILE C 146 13.82 16.28 -26.53
CA ILE C 146 15.15 15.62 -26.39
C ILE C 146 15.74 15.26 -27.76
N THR C 147 14.98 14.53 -28.58
CA THR C 147 15.45 14.13 -29.95
C THR C 147 15.81 15.36 -30.80
N ALA C 148 15.01 16.42 -30.73
CA ALA C 148 15.31 17.63 -31.51
C ALA C 148 16.63 18.30 -31.06
N ARG C 149 17.04 18.06 -29.81
CA ARG C 149 18.25 18.66 -29.23
C ARG C 149 19.34 17.58 -29.01
N CYS C 150 19.33 16.57 -29.88
CA CYS C 150 20.09 15.33 -29.63
C CYS C 150 21.61 15.53 -29.48
N ASP C 151 22.15 16.51 -30.20
CA ASP C 151 23.57 16.87 -30.15
C ASP C 151 24.01 17.40 -28.77
N GLU C 152 23.07 17.86 -27.95
CA GLU C 152 23.39 18.32 -26.59
C GLU C 152 23.48 17.18 -25.57
N PHE C 153 23.09 15.98 -25.98
CA PHE C 153 22.94 14.84 -25.06
C PHE C 153 24.03 13.81 -25.24
N THR C 154 24.37 13.13 -24.16
CA THR C 154 25.30 11.99 -24.20
C THR C 154 24.69 10.89 -25.09
N PRO C 155 25.46 10.38 -26.07
CA PRO C 155 24.83 9.42 -27.00
C PRO C 155 24.40 8.10 -26.33
N ASP C 156 25.07 7.65 -25.29
CA ASP C 156 24.62 6.45 -24.60
C ASP C 156 23.27 6.59 -23.87
N SER C 157 23.02 7.75 -23.24
CA SER C 157 21.77 7.99 -22.51
C SER C 157 20.63 8.11 -23.53
N LEU C 158 20.93 8.67 -24.70
CA LEU C 158 19.95 8.75 -25.79
C LEU C 158 19.53 7.37 -26.26
N LYS C 159 20.50 6.46 -26.34
CA LYS C 159 20.22 5.07 -26.72
C LYS C 159 19.34 4.37 -25.68
N ALA C 160 19.67 4.56 -24.41
CA ALA C 160 18.87 4.03 -23.31
C ALA C 160 17.40 4.49 -23.43
N LEU C 161 17.19 5.79 -23.64
CA LEU C 161 15.83 6.35 -23.75
C LEU C 161 15.10 5.82 -24.97
N ALA C 162 15.77 5.79 -26.12
CA ALA C 162 15.21 5.21 -27.35
C ALA C 162 14.78 3.75 -27.13
N LEU C 163 15.63 2.95 -26.48
CA LEU C 163 15.23 1.59 -26.11
C LEU C 163 14.05 1.51 -25.15
N TRP C 164 14.00 2.39 -24.15
CA TRP C 164 12.88 2.44 -23.23
C TRP C 164 11.56 2.76 -23.95
N LYS C 166 10.85 2.12 -26.98
CA LYS C 166 10.45 1.02 -27.85
C LYS C 166 9.82 -0.13 -27.06
N ARG C 167 9.99 -0.17 -25.73
CA ARG C 167 9.10 -1.03 -24.93
CA ARG C 167 9.18 -1.05 -24.87
C ARG C 167 8.23 -0.24 -23.97
N ASN C 168 8.81 0.27 -22.87
CA ASN C 168 8.14 1.11 -21.84
C ASN C 168 7.70 0.36 -20.58
#